data_6A1H
#
_entry.id   6A1H
#
_cell.length_a   137.369
_cell.length_b   137.369
_cell.length_c   112.385
_cell.angle_alpha   90.00
_cell.angle_beta   90.00
_cell.angle_gamma   90.00
#
_symmetry.space_group_name_H-M   'I 4 2 2'
#
loop_
_entity.id
_entity.type
_entity.pdbx_description
1 polymer '4-hydroxymandelate oxidase'
2 non-polymer 1-deoxy-1-(7,8-dimethyl-2,4-dioxo-3,4-dihydropyrimido[4,5-b]quinolin-10(2H)-yl)-5-O-phosphono-D-ribitol
3 water water
#
_entity_poly.entity_id   1
_entity_poly.type   'polypeptide(L)'
_entity_poly.pdbx_seq_one_letter_code
;MGSSHHHHHHSSGLVPRGSHMTYVSLADLERAARDVLPGEIFDFLAGGSGTEASLVANRTALERVFVIPRMLRDLTDVTT
EIDIFGRRAALPMAVAPVAYQRLFHPEGELAVARAARDAGVPYTICTLSSVSLEEIAAVGGRPWFQLFWLRDEKRSLDLV
RRAEDAGCEAIVFTVDVPWMGRRLRDMRNGFALPEWVTAANFDAGTAAHRRTQGVSAVADHTAREFAPATWESVEAVRAH
TDLPVVLKGILAVEDARRAVDAGAGGIVVSNHGGRQLDGAVPGIEMLGEIVAAVSGGCEVLVDGGIRSGGDVLKATALGA
SAVLVGRPVMWALAAAGQDGVRQLLELLAEEVRDAMGLAGCESVGAARRLNTKLGVV
;
_entity_poly.pdbx_strand_id   A
#
loop_
_chem_comp.id
_chem_comp.type
_chem_comp.name
_chem_comp.formula
9O9 non-polymer 1-deoxy-1-(7,8-dimethyl-2,4-dioxo-3,4-dihydropyrimido[4,5-b]quinolin-10(2H)-yl)-5-O-phosphono-D-ribitol 'C18 H22 N3 O9 P'
#
# COMPACT_ATOMS: atom_id res chain seq x y z
N TYR A 23 -1.79 3.40 22.35
CA TYR A 23 -2.68 3.33 21.17
C TYR A 23 -3.35 1.97 21.08
N VAL A 24 -4.68 1.93 21.03
CA VAL A 24 -5.37 0.65 20.93
C VAL A 24 -6.14 0.50 19.63
N SER A 25 -6.10 1.50 18.78
CA SER A 25 -6.69 1.43 17.45
C SER A 25 -5.90 2.38 16.55
N LEU A 26 -6.00 2.15 15.23
CA LEU A 26 -5.35 3.08 14.31
C LEU A 26 -5.96 4.47 14.40
N ALA A 27 -7.23 4.59 14.79
CA ALA A 27 -7.82 5.92 14.93
C ALA A 27 -7.18 6.70 16.05
N ASP A 28 -6.64 6.02 17.07
CA ASP A 28 -5.89 6.79 18.07
C ASP A 28 -4.69 7.49 17.42
N LEU A 29 -4.05 6.83 16.45
CA LEU A 29 -2.91 7.46 15.79
C LEU A 29 -3.35 8.65 14.94
N GLU A 30 -4.50 8.54 14.25
CA GLU A 30 -4.96 9.68 13.46
C GLU A 30 -5.15 10.92 14.34
N ARG A 31 -5.78 10.73 15.52
CA ARG A 31 -6.01 11.86 16.41
C ARG A 31 -4.69 12.47 16.88
N ALA A 32 -3.70 11.63 17.17
CA ALA A 32 -2.42 12.15 17.61
C ALA A 32 -1.72 12.92 16.48
N ALA A 33 -1.79 12.40 15.26
CA ALA A 33 -1.14 13.09 14.14
C ALA A 33 -1.82 14.42 13.84
N ARG A 34 -3.15 14.48 13.95
CA ARG A 34 -3.84 15.73 13.70
C ARG A 34 -3.43 16.80 14.71
N ASP A 35 -3.19 16.39 15.95
CA ASP A 35 -2.76 17.35 16.98
CA ASP A 35 -2.76 17.35 16.97
C ASP A 35 -1.41 17.95 16.65
N VAL A 36 -0.49 17.16 16.09
CA VAL A 36 0.87 17.65 15.94
C VAL A 36 1.16 18.31 14.60
N LEU A 37 0.53 17.85 13.52
CA LEU A 37 0.97 18.34 12.23
C LEU A 37 0.36 19.71 11.92
N PRO A 38 1.09 20.57 11.25
CA PRO A 38 0.48 21.77 10.65
C PRO A 38 -0.71 21.35 9.80
N GLY A 39 -1.77 22.16 9.83
CA GLY A 39 -2.98 21.82 9.11
C GLY A 39 -2.77 21.53 7.63
N GLU A 40 -1.92 22.29 6.96
CA GLU A 40 -1.75 22.08 5.53
C GLU A 40 -1.03 20.78 5.24
N ILE A 41 -0.16 20.33 6.15
CA ILE A 41 0.52 19.04 5.97
C ILE A 41 -0.44 17.91 6.30
N PHE A 42 -1.24 18.04 7.36
CA PHE A 42 -2.28 17.07 7.61
C PHE A 42 -3.21 16.94 6.40
N ASP A 43 -3.55 18.06 5.75
CA ASP A 43 -4.43 18.00 4.60
C ASP A 43 -3.76 17.38 3.40
N PHE A 44 -2.47 17.64 3.16
CA PHE A 44 -1.73 16.95 2.11
C PHE A 44 -1.83 15.44 2.30
N LEU A 45 -1.70 14.99 3.54
CA LEU A 45 -1.75 13.56 3.85
C LEU A 45 -3.17 13.00 3.75
N ALA A 46 -4.15 13.66 4.36
CA ALA A 46 -5.52 13.13 4.45
C ALA A 46 -6.28 13.24 3.16
N GLY A 47 -5.99 14.22 2.35
CA GLY A 47 -6.91 14.60 1.29
C GLY A 47 -6.94 13.63 0.12
N GLY A 48 -8.01 13.83 -0.68
CA GLY A 48 -8.16 13.14 -1.94
C GLY A 48 -8.40 14.13 -3.05
N SER A 49 -8.73 13.64 -4.25
CA SER A 49 -9.01 14.54 -5.36
C SER A 49 -10.49 14.93 -5.35
N GLY A 50 -10.74 16.09 -5.97
CA GLY A 50 -12.13 16.49 -6.26
C GLY A 50 -12.99 16.60 -5.02
N THR A 51 -14.16 15.97 -5.03
CA THR A 51 -15.09 15.97 -3.90
C THR A 51 -14.73 14.95 -2.84
N GLU A 52 -13.66 14.18 -3.05
CA GLU A 52 -13.25 13.13 -2.12
C GLU A 52 -14.24 11.99 -2.06
N ALA A 53 -14.99 11.80 -3.15
CA ALA A 53 -15.94 10.70 -3.18
C ALA A 53 -15.25 9.35 -3.11
N SER A 54 -14.13 9.20 -3.80
CA SER A 54 -13.42 7.92 -3.78
C SER A 54 -12.70 7.68 -2.46
N LEU A 55 -12.21 8.76 -1.84
CA LEU A 55 -11.60 8.66 -0.50
C LEU A 55 -12.60 8.11 0.51
N VAL A 56 -13.80 8.67 0.54
CA VAL A 56 -14.84 8.21 1.46
CA VAL A 56 -14.78 8.18 1.49
C VAL A 56 -15.29 6.80 1.10
N ALA A 57 -15.45 6.53 -0.21
CA ALA A 57 -15.94 5.22 -0.63
C ALA A 57 -14.99 4.09 -0.25
N ASN A 58 -13.68 4.36 -0.14
CA ASN A 58 -12.77 3.31 0.31
C ASN A 58 -13.18 2.82 1.68
N ARG A 59 -13.56 3.75 2.57
CA ARG A 59 -13.99 3.31 3.90
C ARG A 59 -15.37 2.67 3.86
N THR A 60 -16.34 3.31 3.16
N THR A 60 -16.33 3.29 3.16
CA THR A 60 -17.68 2.74 3.11
CA THR A 60 -17.67 2.72 3.20
C THR A 60 -17.63 1.33 2.58
C THR A 60 -17.72 1.35 2.53
N ALA A 61 -16.83 1.09 1.56
CA ALA A 61 -16.80 -0.22 0.94
C ALA A 61 -16.33 -1.28 1.93
N LEU A 62 -15.31 -0.98 2.75
CA LEU A 62 -14.84 -1.96 3.74
C LEU A 62 -15.89 -2.19 4.81
N GLU A 63 -16.58 -1.14 5.20
CA GLU A 63 -17.57 -1.23 6.28
C GLU A 63 -18.76 -2.09 5.90
N ARG A 64 -19.05 -2.24 4.61
CA ARG A 64 -20.17 -3.05 4.18
C ARG A 64 -19.85 -4.52 4.06
N VAL A 65 -18.58 -4.90 4.15
CA VAL A 65 -18.18 -6.30 4.04
C VAL A 65 -18.22 -6.92 5.43
N PHE A 66 -18.85 -8.07 5.55
CA PHE A 66 -18.80 -8.83 6.80
C PHE A 66 -18.21 -10.20 6.55
N VAL A 67 -17.43 -10.70 7.49
CA VAL A 67 -16.79 -12.00 7.36
C VAL A 67 -17.67 -13.07 7.96
N ILE A 68 -17.70 -14.25 7.35
CA ILE A 68 -18.36 -15.43 7.93
C ILE A 68 -17.27 -16.28 8.55
N PRO A 69 -17.04 -16.18 9.86
CA PRO A 69 -15.91 -16.91 10.48
C PRO A 69 -16.19 -18.40 10.60
N ARG A 70 -15.14 -19.19 10.67
CA ARG A 70 -15.23 -20.61 10.95
C ARG A 70 -14.83 -20.86 12.40
N MET A 71 -15.43 -21.90 12.97
CA MET A 71 -15.18 -22.26 14.37
C MET A 71 -14.52 -23.62 14.50
N LEU A 72 -13.88 -23.82 15.65
CA LEU A 72 -13.46 -25.15 16.10
C LEU A 72 -12.32 -25.75 15.27
N ARG A 73 -11.54 -24.88 14.65
CA ARG A 73 -10.37 -25.32 13.88
C ARG A 73 -9.14 -25.26 14.77
N ASP A 74 -8.12 -26.04 14.38
CA ASP A 74 -6.88 -26.07 15.15
C ASP A 74 -6.16 -24.73 15.03
N LEU A 75 -5.89 -24.08 16.13
CA LEU A 75 -5.19 -22.82 16.23
C LEU A 75 -3.92 -22.96 17.05
N THR A 76 -3.34 -24.17 17.02
CA THR A 76 -2.13 -24.42 17.79
C THR A 76 -0.99 -23.53 17.32
N ASP A 77 -0.88 -23.32 16.02
CA ASP A 77 0.27 -22.58 15.48
C ASP A 77 -0.22 -21.51 14.49
N VAL A 78 -1.00 -20.56 14.98
CA VAL A 78 -1.49 -19.52 14.09
C VAL A 78 -0.28 -18.73 13.61
N THR A 79 -0.21 -18.52 12.30
CA THR A 79 0.88 -17.71 11.73
C THR A 79 0.26 -16.68 10.79
N THR A 80 0.71 -15.45 10.90
CA THR A 80 0.33 -14.36 10.01
C THR A 80 1.30 -14.18 8.86
N GLU A 81 2.29 -15.07 8.70
CA GLU A 81 3.31 -14.86 7.70
C GLU A 81 2.83 -15.21 6.32
N ILE A 82 3.45 -14.59 5.31
CA ILE A 82 3.23 -14.96 3.92
C ILE A 82 4.58 -14.99 3.22
N ASP A 83 4.63 -15.69 2.11
CA ASP A 83 5.75 -15.58 1.18
C ASP A 83 5.27 -14.77 -0.02
N ILE A 84 6.01 -13.71 -0.34
CA ILE A 84 5.61 -12.88 -1.48
C ILE A 84 6.86 -12.31 -2.12
N PHE A 85 6.88 -12.34 -3.46
CA PHE A 85 8.03 -11.80 -4.24
C PHE A 85 9.35 -12.37 -3.71
N GLY A 86 9.32 -13.65 -3.32
CA GLY A 86 10.50 -14.39 -2.92
C GLY A 86 11.00 -14.15 -1.50
N ARG A 87 10.21 -13.52 -0.64
CA ARG A 87 10.64 -13.28 0.73
C ARG A 87 9.49 -13.55 1.68
N ARG A 88 9.81 -14.00 2.87
CA ARG A 88 8.80 -14.19 3.90
C ARG A 88 8.56 -12.82 4.49
N ALA A 89 7.28 -12.44 4.66
CA ALA A 89 6.88 -11.24 5.37
C ALA A 89 6.12 -11.65 6.62
N ALA A 90 6.22 -10.84 7.68
CA ALA A 90 5.66 -11.23 8.98
C ALA A 90 4.13 -11.13 9.01
N LEU A 91 3.54 -10.34 8.12
CA LEU A 91 2.11 -10.06 8.02
C LEU A 91 1.78 -9.98 6.55
N PRO A 92 0.53 -10.14 6.18
CA PRO A 92 0.13 -9.93 4.76
C PRO A 92 -0.08 -8.44 4.49
N MET A 93 0.99 -7.67 4.65
CA MET A 93 0.92 -6.22 4.50
CA MET A 93 0.93 -6.21 4.62
C MET A 93 2.29 -5.66 4.23
N ALA A 94 2.28 -4.53 3.52
CA ALA A 94 3.49 -3.74 3.26
C ALA A 94 3.11 -2.28 3.50
N VAL A 95 4.13 -1.45 3.77
CA VAL A 95 3.93 -0.02 3.83
C VAL A 95 3.78 0.52 2.42
N ALA A 96 2.67 1.24 2.16
CA ALA A 96 2.43 1.77 0.83
C ALA A 96 3.47 2.85 0.52
N PRO A 97 3.74 3.12 -0.76
CA PRO A 97 4.57 4.28 -1.14
C PRO A 97 3.83 5.55 -0.83
N VAL A 98 4.40 6.41 0.01
CA VAL A 98 3.86 7.72 0.35
C VAL A 98 4.98 8.73 0.16
N ALA A 99 4.75 9.75 -0.63
CA ALA A 99 5.81 10.71 -0.95
C ALA A 99 6.19 11.59 0.24
N TYR A 100 7.48 12.01 0.20
CA TYR A 100 7.91 13.18 1.04
C TYR A 100 7.69 12.99 2.55
N GLN A 101 8.22 11.88 3.09
CA GLN A 101 7.86 11.55 4.48
C GLN A 101 8.52 12.47 5.51
N ARG A 102 9.55 13.24 5.08
CA ARG A 102 10.07 14.26 5.99
C ARG A 102 9.07 15.36 6.25
N LEU A 103 7.97 15.46 5.48
CA LEU A 103 6.93 16.37 5.86
C LEU A 103 6.36 16.03 7.23
N PHE A 104 6.40 14.76 7.63
CA PHE A 104 5.67 14.31 8.83
C PHE A 104 6.54 14.18 10.07
N HIS A 105 7.85 14.03 9.90
CA HIS A 105 8.79 13.86 11.00
C HIS A 105 10.16 14.08 10.43
N PRO A 106 11.10 14.67 11.20
CA PRO A 106 12.44 14.92 10.66
C PRO A 106 13.20 13.71 10.17
N GLU A 107 12.94 12.51 10.73
CA GLU A 107 13.65 11.32 10.27
C GLU A 107 12.99 10.70 9.02
N GLY A 108 11.76 11.16 8.69
CA GLY A 108 11.07 10.74 7.45
C GLY A 108 11.17 9.26 7.16
N GLU A 109 11.59 8.99 5.93
CA GLU A 109 11.58 7.63 5.44
C GLU A 109 12.46 6.71 6.25
N LEU A 110 13.57 7.24 6.81
CA LEU A 110 14.46 6.35 7.58
C LEU A 110 13.77 5.78 8.81
N ALA A 111 12.98 6.61 9.50
CA ALA A 111 12.24 6.14 10.67
C ALA A 111 11.26 5.03 10.28
N VAL A 112 10.52 5.28 9.18
CA VAL A 112 9.52 4.29 8.77
C VAL A 112 10.18 3.01 8.32
N ALA A 113 11.25 3.10 7.53
CA ALA A 113 11.87 1.91 7.01
C ALA A 113 12.50 1.06 8.13
N ARG A 114 13.05 1.75 9.16
CA ARG A 114 13.65 1.03 10.28
C ARG A 114 12.59 0.24 11.03
N ALA A 115 11.45 0.89 11.30
CA ALA A 115 10.38 0.18 11.99
C ALA A 115 9.78 -0.95 11.15
N ALA A 116 9.62 -0.74 9.84
CA ALA A 116 9.14 -1.81 8.98
C ALA A 116 10.10 -2.98 8.95
N ARG A 117 11.41 -2.70 8.83
CA ARG A 117 12.40 -3.77 8.90
C ARG A 117 12.29 -4.56 10.20
N ASP A 118 12.18 -3.83 11.32
CA ASP A 118 12.18 -4.57 12.60
C ASP A 118 10.90 -5.38 12.78
N ALA A 119 9.79 -4.95 12.15
CA ALA A 119 8.52 -5.68 12.21
C ALA A 119 8.44 -6.79 11.16
N GLY A 120 9.40 -6.92 10.25
CA GLY A 120 9.35 -7.91 9.20
C GLY A 120 8.35 -7.59 8.08
N VAL A 121 8.06 -6.32 7.87
CA VAL A 121 7.03 -5.84 6.94
C VAL A 121 7.78 -5.16 5.79
N PRO A 122 7.49 -5.47 4.51
CA PRO A 122 8.16 -4.73 3.43
C PRO A 122 7.79 -3.25 3.44
N TYR A 123 8.76 -2.42 3.08
CA TYR A 123 8.61 -0.98 2.97
C TYR A 123 8.78 -0.58 1.51
N THR A 124 7.82 0.18 0.96
CA THR A 124 7.92 0.62 -0.42
C THR A 124 8.56 2.01 -0.46
N ILE A 125 9.78 2.06 -1.01
CA ILE A 125 10.49 3.34 -1.22
C ILE A 125 9.84 4.08 -2.38
N CYS A 126 9.52 5.35 -2.20
CA CYS A 126 8.86 6.15 -3.25
CA CYS A 126 8.82 6.15 -3.23
C CYS A 126 9.85 6.80 -4.18
N THR A 127 9.50 6.89 -5.46
CA THR A 127 10.28 7.73 -6.37
C THR A 127 10.40 9.15 -5.84
N LEU A 128 9.35 9.67 -5.21
CA LEU A 128 9.34 11.01 -4.59
C LEU A 128 9.70 10.97 -3.11
N SER A 129 10.69 10.15 -2.76
CA SER A 129 11.13 10.12 -1.36
C SER A 129 11.95 11.37 -1.02
N SER A 130 11.88 11.78 0.25
CA SER A 130 12.64 12.93 0.73
C SER A 130 14.01 12.53 1.28
N VAL A 131 14.34 11.25 1.26
CA VAL A 131 15.70 10.71 1.52
C VAL A 131 16.00 9.80 0.34
N SER A 132 17.25 9.72 -0.12
CA SER A 132 17.55 8.96 -1.33
C SER A 132 17.24 7.48 -1.15
N LEU A 133 16.89 6.83 -2.27
CA LEU A 133 16.54 5.42 -2.21
C LEU A 133 17.70 4.61 -1.68
N GLU A 134 18.97 5.01 -1.97
CA GLU A 134 20.10 4.19 -1.49
C GLU A 134 20.23 4.26 0.03
N GLU A 135 20.02 5.45 0.59
CA GLU A 135 20.02 5.58 2.05
C GLU A 135 18.93 4.72 2.68
N ILE A 136 17.70 4.80 2.13
CA ILE A 136 16.62 4.02 2.72
C ILE A 136 16.90 2.54 2.57
N ALA A 137 17.41 2.12 1.40
CA ALA A 137 17.71 0.70 1.23
C ALA A 137 18.78 0.21 2.21
N ALA A 138 19.73 1.08 2.56
CA ALA A 138 20.79 0.70 3.50
C ALA A 138 20.27 0.39 4.89
N VAL A 139 19.07 0.85 5.24
CA VAL A 139 18.45 0.45 6.49
C VAL A 139 18.28 -1.06 6.56
N GLY A 140 18.15 -1.73 5.42
CA GLY A 140 17.94 -3.17 5.38
C GLY A 140 16.47 -3.55 5.26
N GLY A 141 16.08 -4.71 5.73
CA GLY A 141 14.66 -5.06 5.66
C GLY A 141 14.32 -5.55 4.27
N ARG A 142 13.07 -5.41 3.94
CA ARG A 142 12.59 -5.90 2.64
C ARG A 142 12.23 -4.67 1.80
N PRO A 143 13.18 -3.89 1.21
CA PRO A 143 12.71 -2.68 0.52
C PRO A 143 12.18 -3.06 -0.88
N TRP A 144 10.98 -2.55 -1.18
CA TRP A 144 10.49 -2.48 -2.56
C TRP A 144 10.70 -1.07 -3.06
N PHE A 145 10.62 -0.86 -4.38
CA PHE A 145 10.78 0.47 -4.94
C PHE A 145 9.59 0.79 -5.84
N GLN A 146 8.96 1.90 -5.55
CA GLN A 146 7.85 2.40 -6.36
C GLN A 146 8.40 3.33 -7.42
N LEU A 147 8.03 3.06 -8.67
CA LEU A 147 8.48 3.81 -9.83
C LEU A 147 7.39 4.67 -10.41
N PHE A 148 7.68 5.93 -10.69
CA PHE A 148 6.93 6.74 -11.65
C PHE A 148 7.73 6.79 -12.94
N TRP A 149 7.05 6.63 -14.06
CA TRP A 149 7.70 6.74 -15.37
C TRP A 149 8.25 8.15 -15.55
N LEU A 150 9.52 8.26 -15.98
CA LEU A 150 10.26 9.52 -16.07
C LEU A 150 10.08 10.15 -17.46
N ARG A 151 10.84 11.21 -17.74
CA ARG A 151 10.63 11.94 -18.98
C ARG A 151 10.94 11.10 -20.21
N ASP A 152 11.78 10.06 -20.10
CA ASP A 152 12.05 9.17 -21.21
C ASP A 152 12.32 7.77 -20.70
N GLU A 153 12.39 6.80 -21.63
CA GLU A 153 12.69 5.42 -21.26
C GLU A 153 14.07 5.28 -20.60
N LYS A 154 15.09 5.95 -21.15
CA LYS A 154 16.45 5.74 -20.63
C LYS A 154 16.55 6.14 -19.16
N ARG A 155 16.04 7.32 -18.82
CA ARG A 155 16.09 7.75 -17.43
C ARG A 155 15.27 6.83 -16.53
N SER A 156 14.10 6.40 -17.00
CA SER A 156 13.25 5.54 -16.19
C SER A 156 13.99 4.27 -15.81
N LEU A 157 14.64 3.66 -16.80
CA LEU A 157 15.31 2.40 -16.59
C LEU A 157 16.55 2.59 -15.73
N ASP A 158 17.20 3.76 -15.81
CA ASP A 158 18.32 3.99 -14.90
C ASP A 158 17.83 4.02 -13.44
N LEU A 159 16.64 4.55 -13.22
CA LEU A 159 16.11 4.59 -11.88
C LEU A 159 15.75 3.17 -11.35
N VAL A 160 15.17 2.35 -12.21
CA VAL A 160 14.96 0.94 -11.90
C VAL A 160 16.28 0.26 -11.54
N ARG A 161 17.32 0.51 -12.35
CA ARG A 161 18.60 -0.14 -12.10
C ARG A 161 19.24 0.36 -10.81
N ARG A 162 19.09 1.66 -10.46
CA ARG A 162 19.53 2.12 -9.13
C ARG A 162 18.86 1.33 -8.04
N ALA A 163 17.52 1.16 -8.14
CA ALA A 163 16.82 0.46 -7.08
C ALA A 163 17.31 -0.97 -6.98
N GLU A 164 17.46 -1.63 -8.12
CA GLU A 164 17.94 -3.00 -8.12
C GLU A 164 19.36 -3.09 -7.52
N ASP A 165 20.25 -2.17 -7.94
CA ASP A 165 21.63 -2.18 -7.44
C ASP A 165 21.66 -1.98 -5.94
N ALA A 166 20.69 -1.22 -5.40
CA ALA A 166 20.64 -0.94 -3.97
C ALA A 166 19.97 -2.05 -3.16
N GLY A 167 19.52 -3.13 -3.78
CA GLY A 167 18.94 -4.26 -3.07
C GLY A 167 17.42 -4.22 -2.93
N CYS A 168 16.74 -3.37 -3.70
CA CYS A 168 15.27 -3.44 -3.67
C CYS A 168 14.84 -4.75 -4.31
N GLU A 169 13.74 -5.31 -3.81
CA GLU A 169 13.34 -6.65 -4.21
C GLU A 169 12.12 -6.73 -5.11
N ALA A 170 11.47 -5.61 -5.41
CA ALA A 170 10.35 -5.57 -6.35
C ALA A 170 10.25 -4.16 -6.87
N ILE A 171 9.75 -4.02 -8.11
CA ILE A 171 9.49 -2.70 -8.67
C ILE A 171 7.97 -2.54 -8.68
N VAL A 172 7.48 -1.59 -7.91
CA VAL A 172 6.04 -1.30 -7.83
C VAL A 172 5.83 -0.14 -8.79
N PHE A 173 5.42 -0.46 -10.02
CA PHE A 173 5.25 0.55 -11.06
C PHE A 173 3.85 1.16 -10.88
N THR A 174 3.76 2.43 -10.53
CA THR A 174 2.48 3.08 -10.36
C THR A 174 1.92 3.43 -11.73
N VAL A 175 0.70 2.93 -12.01
CA VAL A 175 0.14 3.01 -13.35
C VAL A 175 -1.05 3.90 -13.40
N ASP A 176 -1.43 4.59 -12.30
CA ASP A 176 -2.64 5.40 -12.29
C ASP A 176 -2.35 6.89 -12.19
N VAL A 177 -1.10 7.30 -12.47
CA VAL A 177 -0.70 8.70 -12.39
C VAL A 177 -0.09 9.12 -13.72
N PRO A 178 -0.88 9.23 -14.79
CA PRO A 178 -0.35 9.96 -15.94
C PRO A 178 0.01 11.37 -15.56
N TRP A 179 -0.67 11.93 -14.56
CA TRP A 179 -0.39 13.16 -13.85
C TRP A 179 -1.10 13.03 -12.51
N MET A 180 -0.68 13.83 -11.52
CA MET A 180 -1.36 13.85 -10.21
C MET A 180 -2.74 14.47 -10.32
N GLY A 181 -3.67 13.92 -9.55
CA GLY A 181 -5.04 14.41 -9.55
C GLY A 181 -5.19 15.80 -8.94
N ARG A 182 -6.42 16.28 -8.94
CA ARG A 182 -6.74 17.65 -8.49
C ARG A 182 -7.04 17.63 -7.00
N ARG A 183 -6.10 18.14 -6.19
CA ARG A 183 -6.14 18.08 -4.72
C ARG A 183 -6.67 19.41 -4.21
N LEU A 184 -7.97 19.49 -4.02
CA LEU A 184 -8.60 20.78 -3.71
C LEU A 184 -8.16 21.28 -2.35
N ARG A 185 -7.86 20.39 -1.39
CA ARG A 185 -7.36 20.91 -0.13
C ARG A 185 -6.03 21.61 -0.34
N ASP A 186 -5.14 21.03 -1.14
CA ASP A 186 -3.84 21.63 -1.38
C ASP A 186 -4.00 22.96 -2.12
N MET A 187 -4.92 23.02 -3.07
CA MET A 187 -5.20 24.28 -3.76
C MET A 187 -5.69 25.33 -2.80
N ARG A 188 -6.66 24.99 -1.98
CA ARG A 188 -7.25 25.95 -1.05
C ARG A 188 -6.25 26.40 0.00
N ASN A 189 -5.36 25.50 0.45
CA ASN A 189 -4.34 25.88 1.43
C ASN A 189 -3.16 26.59 0.79
N GLY A 190 -3.06 26.62 -0.53
CA GLY A 190 -1.85 27.04 -1.25
C GLY A 190 -0.65 26.22 -0.86
N PHE A 191 -0.82 24.90 -0.72
CA PHE A 191 0.25 24.07 -0.17
C PHE A 191 1.42 23.92 -1.13
N ALA A 192 2.63 24.04 -0.59
CA ALA A 192 3.86 23.77 -1.33
C ALA A 192 4.84 23.12 -0.37
N LEU A 193 5.79 22.37 -0.92
CA LEU A 193 6.81 21.76 -0.10
C LEU A 193 7.62 22.84 0.59
N PRO A 194 7.89 22.71 1.88
CA PRO A 194 8.89 23.57 2.52
C PRO A 194 10.23 23.40 1.84
N GLU A 195 11.05 24.44 1.95
CA GLU A 195 12.37 24.39 1.34
C GLU A 195 13.20 23.23 1.86
N TRP A 196 12.94 22.77 3.08
CA TRP A 196 13.75 21.71 3.67
C TRP A 196 13.31 20.30 3.24
N VAL A 197 12.31 20.17 2.38
CA VAL A 197 11.87 18.86 1.88
C VAL A 197 12.05 18.87 0.38
N THR A 198 12.80 17.91 -0.15
CA THR A 198 13.00 17.81 -1.59
C THR A 198 12.81 16.36 -2.05
N ALA A 199 12.71 16.21 -3.38
CA ALA A 199 12.68 14.90 -4.03
C ALA A 199 14.13 14.43 -4.14
N ALA A 200 14.57 13.69 -3.11
CA ALA A 200 16.00 13.39 -2.97
C ALA A 200 16.57 12.43 -4.00
N ASN A 201 15.73 11.69 -4.77
CA ASN A 201 16.28 10.85 -5.82
C ASN A 201 16.67 11.63 -7.06
N PHE A 202 16.36 12.92 -7.11
CA PHE A 202 16.64 13.78 -8.28
C PHE A 202 17.69 14.84 -7.96
N PHE A 226 8.49 13.80 -15.40
CA PHE A 226 7.68 12.61 -15.63
C PHE A 226 6.90 12.68 -16.94
N ALA A 227 6.71 11.54 -17.60
CA ALA A 227 5.82 11.36 -18.73
C ALA A 227 4.88 10.22 -18.42
N PRO A 228 3.67 10.21 -19.00
CA PRO A 228 2.70 9.14 -18.70
C PRO A 228 3.14 7.75 -19.17
N ALA A 229 2.93 6.75 -18.30
CA ALA A 229 3.28 5.36 -18.66
C ALA A 229 2.23 4.71 -19.56
N THR A 230 2.68 3.77 -20.38
CA THR A 230 1.83 2.89 -21.20
C THR A 230 2.25 1.43 -21.02
N TRP A 231 1.53 0.51 -21.68
CA TRP A 231 1.93 -0.88 -21.69
C TRP A 231 3.34 -1.07 -22.26
N GLU A 232 3.73 -0.22 -23.21
CA GLU A 232 5.10 -0.31 -23.70
CA GLU A 232 5.10 -0.26 -23.72
C GLU A 232 6.10 0.01 -22.60
N SER A 233 5.77 0.97 -21.74
CA SER A 233 6.65 1.27 -20.60
C SER A 233 6.80 0.07 -19.69
N VAL A 234 5.69 -0.62 -19.42
CA VAL A 234 5.73 -1.84 -18.59
C VAL A 234 6.68 -2.86 -19.19
N GLU A 235 6.60 -3.05 -20.52
CA GLU A 235 7.48 -4.04 -21.13
C GLU A 235 8.93 -3.60 -21.06
N ALA A 236 9.21 -2.31 -21.18
CA ALA A 236 10.58 -1.83 -21.07
C ALA A 236 11.12 -2.12 -19.68
N VAL A 237 10.30 -1.91 -18.63
CA VAL A 237 10.74 -2.20 -17.27
C VAL A 237 10.95 -3.69 -17.10
N ARG A 238 9.98 -4.51 -17.55
CA ARG A 238 10.07 -5.97 -17.40
C ARG A 238 11.31 -6.54 -18.06
N ALA A 239 11.77 -5.94 -19.15
CA ALA A 239 12.92 -6.51 -19.85
C ALA A 239 14.20 -6.02 -19.24
N HIS A 240 14.14 -4.96 -18.43
CA HIS A 240 15.31 -4.31 -17.83
C HIS A 240 15.69 -4.91 -16.48
N THR A 241 14.82 -5.69 -15.87
CA THR A 241 15.09 -6.21 -14.53
C THR A 241 14.55 -7.62 -14.43
N ASP A 242 15.21 -8.43 -13.62
CA ASP A 242 14.66 -9.71 -13.23
C ASP A 242 13.83 -9.61 -11.94
N LEU A 243 13.77 -8.39 -11.33
CA LEU A 243 12.90 -8.25 -10.16
C LEU A 243 11.43 -8.36 -10.57
N PRO A 244 10.59 -8.84 -9.69
CA PRO A 244 9.15 -8.81 -10.01
C PRO A 244 8.64 -7.40 -10.19
N VAL A 245 7.83 -7.20 -11.24
CA VAL A 245 7.20 -5.92 -11.54
C VAL A 245 5.76 -6.01 -11.08
N VAL A 246 5.35 -5.06 -10.26
CA VAL A 246 4.01 -5.06 -9.64
C VAL A 246 3.33 -3.80 -10.11
N LEU A 247 2.18 -3.92 -10.80
CA LEU A 247 1.49 -2.73 -11.34
C LEU A 247 0.49 -2.24 -10.29
N LYS A 248 0.69 -1.01 -9.82
CA LYS A 248 -0.11 -0.47 -8.75
C LYS A 248 -1.10 0.54 -9.33
N GLY A 249 -2.37 0.35 -9.03
CA GLY A 249 -3.43 1.21 -9.54
C GLY A 249 -4.34 0.54 -10.57
N ILE A 250 -4.43 -0.77 -10.58
CA ILE A 250 -5.30 -1.51 -11.51
C ILE A 250 -6.68 -1.59 -10.90
N LEU A 251 -7.72 -1.24 -11.68
CA LEU A 251 -9.10 -1.42 -11.23
C LEU A 251 -9.96 -2.22 -12.21
N ALA A 252 -9.66 -2.15 -13.52
CA ALA A 252 -10.48 -2.88 -14.50
C ALA A 252 -10.03 -4.33 -14.60
N VAL A 253 -11.00 -5.25 -14.70
CA VAL A 253 -10.69 -6.66 -14.76
C VAL A 253 -9.79 -6.95 -15.94
N GLU A 254 -10.07 -6.33 -17.09
CA GLU A 254 -9.26 -6.61 -18.26
C GLU A 254 -7.82 -6.09 -18.10
N ASP A 255 -7.65 -5.00 -17.35
CA ASP A 255 -6.29 -4.53 -17.09
C ASP A 255 -5.53 -5.49 -16.17
N ALA A 256 -6.22 -6.12 -15.22
CA ALA A 256 -5.57 -7.15 -14.38
C ALA A 256 -5.15 -8.32 -15.24
N ARG A 257 -6.06 -8.77 -16.16
CA ARG A 257 -5.67 -9.86 -17.05
C ARG A 257 -4.50 -9.46 -17.92
N ARG A 258 -4.54 -8.25 -18.49
CA ARG A 258 -3.41 -7.81 -19.30
C ARG A 258 -2.12 -7.72 -18.50
N ALA A 259 -2.21 -7.33 -17.22
CA ALA A 259 -1.00 -7.29 -16.39
C ALA A 259 -0.35 -8.66 -16.30
N VAL A 260 -1.14 -9.72 -16.11
CA VAL A 260 -0.58 -11.06 -16.09
C VAL A 260 0.06 -11.39 -17.43
N ASP A 261 -0.66 -11.08 -18.53
CA ASP A 261 -0.15 -11.38 -19.88
C ASP A 261 1.14 -10.62 -20.14
N ALA A 262 1.30 -9.43 -19.55
CA ALA A 262 2.46 -8.59 -19.70
C ALA A 262 3.62 -9.06 -18.85
N GLY A 263 3.46 -10.07 -18.02
CA GLY A 263 4.57 -10.56 -17.22
C GLY A 263 4.70 -9.93 -15.84
N ALA A 264 3.68 -9.18 -15.39
CA ALA A 264 3.70 -8.69 -14.02
C ALA A 264 3.71 -9.82 -13.02
N GLY A 265 4.51 -9.64 -11.97
CA GLY A 265 4.47 -10.58 -10.87
C GLY A 265 3.39 -10.29 -9.84
N GLY A 266 2.81 -9.09 -9.91
CA GLY A 266 1.72 -8.73 -9.02
C GLY A 266 1.03 -7.49 -9.55
N ILE A 267 -0.10 -7.22 -8.91
CA ILE A 267 -0.82 -5.97 -9.11
C ILE A 267 -1.30 -5.48 -7.76
N VAL A 268 -1.51 -4.19 -7.63
CA VAL A 268 -2.20 -3.61 -6.49
C VAL A 268 -3.49 -3.02 -6.99
N VAL A 269 -4.58 -3.60 -6.55
CA VAL A 269 -5.92 -3.14 -6.89
C VAL A 269 -6.23 -1.93 -6.02
N SER A 270 -6.39 -0.75 -6.63
CA SER A 270 -6.21 0.49 -5.89
C SER A 270 -6.79 1.65 -6.67
N ASN A 271 -7.40 2.61 -5.96
CA ASN A 271 -7.73 3.91 -6.54
C ASN A 271 -6.82 5.01 -6.02
N HIS A 272 -5.62 4.62 -5.55
CA HIS A 272 -4.61 5.58 -5.08
C HIS A 272 -5.14 6.35 -3.88
N GLY A 273 -5.84 5.64 -2.99
CA GLY A 273 -6.30 6.31 -1.78
C GLY A 273 -7.24 7.45 -2.06
N GLY A 274 -7.96 7.39 -3.18
CA GLY A 274 -8.90 8.43 -3.54
C GLY A 274 -8.26 9.70 -3.99
N ARG A 275 -6.99 9.67 -4.37
CA ARG A 275 -6.22 10.88 -4.71
C ARG A 275 -6.12 11.14 -6.20
N GLN A 276 -6.57 10.18 -7.04
CA GLN A 276 -6.40 10.26 -8.47
C GLN A 276 -7.76 10.57 -9.13
N LEU A 277 -8.40 9.59 -9.79
CA LEU A 277 -9.73 9.89 -10.36
C LEU A 277 -10.76 9.96 -9.25
N ASP A 278 -11.43 11.12 -9.07
CA ASP A 278 -12.51 11.26 -8.12
C ASP A 278 -13.73 10.61 -8.77
N GLY A 279 -14.30 9.60 -8.12
CA GLY A 279 -15.31 8.74 -8.71
C GLY A 279 -14.79 7.40 -9.15
N ALA A 280 -13.47 7.14 -9.07
CA ALA A 280 -12.98 5.77 -9.30
C ALA A 280 -13.52 4.83 -8.23
N VAL A 281 -13.97 3.68 -8.68
CA VAL A 281 -14.41 2.60 -7.78
C VAL A 281 -13.32 2.26 -6.76
N PRO A 282 -13.69 1.94 -5.50
CA PRO A 282 -12.67 1.40 -4.58
C PRO A 282 -12.09 0.09 -5.06
N GLY A 283 -10.81 -0.13 -4.78
CA GLY A 283 -10.17 -1.38 -5.11
C GLY A 283 -10.88 -2.55 -4.44
N ILE A 284 -11.31 -2.38 -3.18
CA ILE A 284 -11.95 -3.49 -2.50
CA ILE A 284 -11.99 -3.47 -2.46
C ILE A 284 -13.23 -3.94 -3.20
N GLU A 285 -13.87 -3.07 -3.99
CA GLU A 285 -15.08 -3.48 -4.71
C GLU A 285 -14.77 -4.23 -5.99
N MET A 286 -13.55 -4.11 -6.54
CA MET A 286 -13.13 -4.87 -7.71
C MET A 286 -12.34 -6.12 -7.39
N LEU A 287 -11.90 -6.26 -6.12
CA LEU A 287 -10.91 -7.28 -5.78
C LEU A 287 -11.37 -8.68 -6.11
N GLY A 288 -12.58 -9.05 -5.69
CA GLY A 288 -13.00 -10.44 -5.90
C GLY A 288 -13.06 -10.78 -7.38
N GLU A 289 -13.61 -9.88 -8.20
CA GLU A 289 -13.70 -10.17 -9.62
CA GLU A 289 -13.71 -10.13 -9.64
C GLU A 289 -12.31 -10.27 -10.25
N ILE A 290 -11.37 -9.43 -9.79
CA ILE A 290 -10.02 -9.45 -10.32
C ILE A 290 -9.30 -10.73 -9.90
N VAL A 291 -9.46 -11.15 -8.62
CA VAL A 291 -8.80 -12.39 -8.19
C VAL A 291 -9.30 -13.58 -9.00
N ALA A 292 -10.62 -13.63 -9.29
CA ALA A 292 -11.12 -14.71 -10.13
C ALA A 292 -10.56 -14.66 -11.54
N ALA A 293 -10.43 -13.47 -12.12
CA ALA A 293 -9.97 -13.36 -13.51
C ALA A 293 -8.49 -13.69 -13.64
N VAL A 294 -7.66 -13.37 -12.66
N VAL A 294 -7.70 -13.41 -12.59
CA VAL A 294 -6.26 -13.71 -12.88
CA VAL A 294 -6.23 -13.57 -12.61
C VAL A 294 -5.98 -15.15 -12.50
C VAL A 294 -5.83 -15.06 -12.54
N SER A 295 -6.81 -15.74 -11.61
N SER A 295 -6.71 -15.93 -12.00
CA SER A 295 -6.77 -17.18 -11.34
CA SER A 295 -6.47 -17.38 -11.86
C SER A 295 -5.35 -17.67 -11.09
C SER A 295 -5.12 -17.75 -11.22
N GLY A 296 -4.71 -17.00 -10.16
CA GLY A 296 -3.40 -17.35 -9.62
C GLY A 296 -2.24 -16.91 -10.47
N GLY A 297 -2.45 -16.16 -11.56
CA GLY A 297 -1.35 -15.80 -12.46
C GLY A 297 -0.40 -14.75 -11.92
N CYS A 298 -0.79 -13.99 -10.90
CA CYS A 298 0.12 -13.05 -10.24
C CYS A 298 -0.43 -12.84 -8.84
N GLU A 299 0.38 -12.20 -8.00
CA GLU A 299 -0.11 -11.81 -6.69
C GLU A 299 -1.08 -10.65 -6.85
N VAL A 300 -2.14 -10.63 -6.04
CA VAL A 300 -3.14 -9.57 -6.12
C VAL A 300 -3.21 -8.91 -4.76
N LEU A 301 -2.67 -7.69 -4.66
CA LEU A 301 -2.73 -6.89 -3.45
C LEU A 301 -3.85 -5.89 -3.59
N VAL A 302 -4.25 -5.29 -2.48
CA VAL A 302 -5.28 -4.25 -2.49
C VAL A 302 -4.86 -3.18 -1.51
N ASP A 303 -5.30 -1.96 -1.73
CA ASP A 303 -5.14 -0.92 -0.72
C ASP A 303 -6.30 0.03 -0.75
N GLY A 304 -6.28 0.99 0.17
CA GLY A 304 -7.28 2.02 0.32
C GLY A 304 -8.12 1.76 1.52
N GLY A 305 -7.92 2.54 2.58
CA GLY A 305 -8.80 2.47 3.73
C GLY A 305 -8.57 1.34 4.69
N ILE A 306 -7.48 0.59 4.60
CA ILE A 306 -7.23 -0.46 5.59
C ILE A 306 -6.88 0.21 6.92
N ARG A 307 -7.69 -0.03 7.95
CA ARG A 307 -7.55 0.69 9.22
C ARG A 307 -7.55 -0.24 10.42
N SER A 308 -7.46 -1.55 10.21
CA SER A 308 -7.43 -2.50 11.31
C SER A 308 -7.01 -3.86 10.79
N GLY A 309 -6.66 -4.76 11.73
CA GLY A 309 -6.47 -6.14 11.37
C GLY A 309 -7.75 -6.80 10.85
N GLY A 310 -8.92 -6.37 11.32
CA GLY A 310 -10.13 -6.88 10.73
C GLY A 310 -10.30 -6.49 9.29
N ASP A 311 -9.83 -5.31 8.91
CA ASP A 311 -9.89 -4.91 7.51
C ASP A 311 -8.92 -5.73 6.69
N VAL A 312 -7.75 -6.06 7.25
CA VAL A 312 -6.83 -6.98 6.58
C VAL A 312 -7.53 -8.31 6.34
N LEU A 313 -8.22 -8.82 7.36
CA LEU A 313 -8.91 -10.08 7.20
C LEU A 313 -9.96 -9.99 6.10
N LYS A 314 -10.73 -8.89 6.04
CA LYS A 314 -11.73 -8.76 4.96
C LYS A 314 -11.04 -8.81 3.61
N ALA A 315 -9.93 -8.09 3.45
CA ALA A 315 -9.22 -8.04 2.16
C ALA A 315 -8.77 -9.44 1.79
N THR A 316 -8.20 -10.18 2.77
CA THR A 316 -7.74 -11.53 2.53
CA THR A 316 -7.75 -11.53 2.44
C THR A 316 -8.92 -12.42 2.12
N ALA A 317 -10.06 -12.30 2.85
CA ALA A 317 -11.21 -13.15 2.54
C ALA A 317 -11.78 -12.84 1.16
N LEU A 318 -11.63 -11.62 0.67
CA LEU A 318 -12.00 -11.29 -0.72
C LEU A 318 -10.96 -11.74 -1.72
N GLY A 319 -9.83 -12.28 -1.29
CA GLY A 319 -8.86 -12.92 -2.17
C GLY A 319 -7.51 -12.25 -2.24
N ALA A 320 -7.27 -11.14 -1.53
CA ALA A 320 -5.98 -10.47 -1.63
C ALA A 320 -4.87 -11.35 -1.08
N SER A 321 -3.71 -11.25 -1.72
CA SER A 321 -2.47 -11.85 -1.22
C SER A 321 -1.94 -11.07 -0.02
N ALA A 322 -2.14 -9.75 -0.02
CA ALA A 322 -1.61 -8.83 0.97
C ALA A 322 -2.27 -7.50 0.73
N VAL A 323 -2.12 -6.59 1.69
CA VAL A 323 -2.60 -5.22 1.57
C VAL A 323 -1.43 -4.26 1.62
N LEU A 324 -1.65 -3.05 1.15
CA LEU A 324 -0.78 -1.92 1.51
C LEU A 324 -1.53 -1.02 2.46
N VAL A 325 -0.76 -0.34 3.35
CA VAL A 325 -1.32 0.62 4.30
C VAL A 325 -0.53 1.91 4.14
N GLY A 326 -1.22 3.01 3.89
CA GLY A 326 -0.58 4.31 3.66
C GLY A 326 -0.74 5.29 4.79
N ARG A 327 -1.86 6.00 4.82
CA ARG A 327 -2.03 7.08 5.80
C ARG A 327 -1.73 6.68 7.23
N PRO A 328 -2.22 5.56 7.74
CA PRO A 328 -1.96 5.24 9.15
C PRO A 328 -0.49 5.17 9.48
N VAL A 329 0.34 4.70 8.57
CA VAL A 329 1.78 4.63 8.86
C VAL A 329 2.32 6.03 9.04
N MET A 330 1.85 7.00 8.24
CA MET A 330 2.27 8.38 8.39
C MET A 330 1.71 9.01 9.64
N TRP A 331 0.51 8.63 10.09
CA TRP A 331 0.02 9.14 11.36
C TRP A 331 0.96 8.73 12.48
N ALA A 332 1.40 7.48 12.48
CA ALA A 332 2.28 6.98 13.53
C ALA A 332 3.62 7.70 13.46
N LEU A 333 4.17 7.89 12.27
CA LEU A 333 5.43 8.63 12.08
C LEU A 333 5.30 10.05 12.63
N ALA A 334 4.21 10.73 12.31
CA ALA A 334 4.01 12.09 12.79
C ALA A 334 3.90 12.11 14.31
N ALA A 335 3.20 11.14 14.87
CA ALA A 335 2.90 11.13 16.30
C ALA A 335 4.15 10.87 17.13
N ALA A 336 4.98 9.93 16.71
CA ALA A 336 6.08 9.49 17.59
C ALA A 336 7.25 8.92 16.81
N GLY A 337 7.44 9.27 15.54
CA GLY A 337 8.67 8.85 14.87
C GLY A 337 8.78 7.35 14.66
N GLN A 338 9.98 6.82 14.65
CA GLN A 338 10.21 5.39 14.50
C GLN A 338 9.43 4.60 15.54
N ASP A 339 9.47 5.03 16.80
CA ASP A 339 8.77 4.28 17.83
CA ASP A 339 8.77 4.29 17.85
C ASP A 339 7.27 4.28 17.59
N GLY A 340 6.75 5.38 17.06
CA GLY A 340 5.34 5.40 16.69
C GLY A 340 5.00 4.38 15.62
N VAL A 341 5.80 4.31 14.57
CA VAL A 341 5.60 3.31 13.53
C VAL A 341 5.72 1.91 14.11
N ARG A 342 6.72 1.66 15.00
CA ARG A 342 6.80 0.37 15.65
C ARG A 342 5.52 0.02 16.38
N GLN A 343 4.99 0.97 17.14
CA GLN A 343 3.76 0.69 17.90
C GLN A 343 2.59 0.39 16.97
N LEU A 344 2.48 1.14 15.87
CA LEU A 344 1.41 0.86 14.91
C LEU A 344 1.55 -0.56 14.35
N LEU A 345 2.76 -0.96 13.96
CA LEU A 345 2.92 -2.27 13.36
C LEU A 345 2.69 -3.38 14.35
N GLU A 346 3.07 -3.16 15.61
CA GLU A 346 2.77 -4.14 16.64
C GLU A 346 1.26 -4.24 16.88
N LEU A 347 0.57 -3.12 16.86
CA LEU A 347 -0.88 -3.11 17.02
C LEU A 347 -1.55 -3.84 15.85
N LEU A 348 -1.14 -3.51 14.62
CA LEU A 348 -1.70 -4.22 13.47
C LEU A 348 -1.41 -5.71 13.51
N ALA A 349 -0.22 -6.10 13.93
CA ALA A 349 0.07 -7.51 14.04
C ALA A 349 -0.85 -8.17 15.05
N GLU A 350 -1.07 -7.52 16.19
CA GLU A 350 -1.97 -8.10 17.17
C GLU A 350 -3.38 -8.20 16.63
N GLU A 351 -3.85 -7.15 15.96
CA GLU A 351 -5.21 -7.18 15.41
C GLU A 351 -5.35 -8.26 14.34
N VAL A 352 -4.33 -8.44 13.49
CA VAL A 352 -4.44 -9.45 12.44
C VAL A 352 -4.48 -10.85 13.05
N ARG A 353 -3.60 -11.12 14.03
CA ARG A 353 -3.62 -12.43 14.65
CA ARG A 353 -3.61 -12.40 14.72
C ARG A 353 -4.95 -12.66 15.36
N ASP A 354 -5.45 -11.67 16.06
CA ASP A 354 -6.75 -11.78 16.74
C ASP A 354 -7.85 -12.11 15.74
N ALA A 355 -7.94 -11.32 14.66
CA ALA A 355 -9.02 -11.51 13.69
C ALA A 355 -8.91 -12.87 13.03
N MET A 356 -7.68 -13.29 12.65
CA MET A 356 -7.53 -14.58 12.00
C MET A 356 -7.96 -15.71 12.91
N GLY A 357 -7.54 -15.67 14.18
CA GLY A 357 -7.88 -16.78 15.06
C GLY A 357 -9.35 -16.81 15.39
N LEU A 358 -9.94 -15.64 15.62
CA LEU A 358 -11.37 -15.62 15.88
C LEU A 358 -12.16 -16.14 14.70
N ALA A 359 -11.65 -15.95 13.46
CA ALA A 359 -12.25 -16.47 12.25
C ALA A 359 -11.86 -17.89 11.91
N GLY A 360 -11.08 -18.57 12.77
CA GLY A 360 -10.76 -19.95 12.54
C GLY A 360 -9.65 -20.20 11.55
N CYS A 361 -8.76 -19.25 11.40
CA CYS A 361 -7.72 -19.34 10.38
C CYS A 361 -6.34 -19.43 11.00
N GLU A 362 -5.68 -20.58 10.78
CA GLU A 362 -4.33 -20.74 11.31
C GLU A 362 -3.30 -20.17 10.37
N SER A 363 -3.69 -19.81 9.14
CA SER A 363 -2.76 -19.26 8.17
C SER A 363 -3.51 -18.27 7.29
N VAL A 364 -2.75 -17.44 6.57
CA VAL A 364 -3.34 -16.49 5.65
C VAL A 364 -4.06 -17.20 4.52
N GLY A 365 -3.54 -18.35 4.08
CA GLY A 365 -4.23 -19.11 3.05
C GLY A 365 -5.63 -19.51 3.48
N ALA A 366 -5.78 -19.94 4.74
CA ALA A 366 -7.10 -20.25 5.25
C ALA A 366 -7.99 -19.02 5.28
N ALA A 367 -7.45 -17.85 5.62
CA ALA A 367 -8.25 -16.64 5.59
C ALA A 367 -8.73 -16.32 4.17
N ARG A 368 -7.92 -16.63 3.13
CA ARG A 368 -8.37 -16.39 1.76
C ARG A 368 -9.55 -17.28 1.40
N ARG A 369 -9.75 -18.41 2.08
CA ARG A 369 -10.89 -19.28 1.82
C ARG A 369 -12.13 -18.92 2.62
N LEU A 370 -12.07 -17.93 3.50
CA LEU A 370 -13.28 -17.47 4.16
C LEU A 370 -14.25 -16.87 3.16
N ASN A 371 -15.52 -17.01 3.46
CA ASN A 371 -16.58 -16.32 2.75
C ASN A 371 -16.99 -15.04 3.46
N THR A 372 -17.59 -14.15 2.67
CA THR A 372 -18.04 -12.84 3.14
C THR A 372 -19.50 -12.65 2.73
N LYS A 373 -20.10 -11.65 3.34
CA LYS A 373 -21.47 -11.25 3.00
C LYS A 373 -21.52 -9.75 3.05
N LEU A 374 -22.12 -9.14 2.05
CA LEU A 374 -22.36 -7.71 2.13
C LEU A 374 -23.52 -7.40 3.06
N GLY A 375 -23.37 -6.35 3.85
CA GLY A 375 -24.41 -5.88 4.74
C GLY A 375 -24.72 -4.44 4.40
N VAL A 376 -25.74 -3.90 5.07
CA VAL A 376 -26.13 -2.51 4.92
C VAL A 376 -25.76 -1.80 6.21
N VAL A 377 -24.90 -0.79 6.10
CA VAL A 377 -24.42 -0.05 7.26
C VAL A 377 -25.19 1.27 7.38
C4 9O9 B . 3.13 7.99 -4.71
C5 9O9 B . 2.19 8.20 -3.71
C6 9O9 B . 1.18 7.19 -3.55
N1 9O9 B . 1.17 6.08 -4.33
N3 9O9 B . 3.09 6.86 -5.45
C2 9O9 B . 2.12 5.88 -5.29
CAA 9O9 B . 0.22 10.56 0.07
CAB 9O9 B . -0.70 9.52 0.22
CAC 9O9 B . -0.68 8.43 -0.65
CAD 9O9 B . 0.23 8.35 -1.69
CAE 9O9 B . 1.18 9.41 -1.86
CAF 9O9 B . 1.15 10.47 -0.95
CAJ 9O9 B . 2.14 9.33 -2.88
CAO 9O9 B . 0.22 11.69 1.02
CAP 9O9 B . -1.67 9.50 1.26
CAS 9O9 B . -0.84 6.24 -2.50
CAT 9O9 B . -0.54 5.14 -1.56
CAU 9O9 B . -1.72 4.22 -1.28
CAV 9O9 B . -2.82 4.88 -0.51
CAW 9O9 B . -3.65 3.72 0.17
NAG 9O9 B . 0.24 7.28 -2.60
O2 9O9 B . 2.12 4.87 -6.01
O4 9O9 B . 4.03 8.82 -4.97
OAX 9O9 B . -4.70 4.22 0.92
OAY 9O9 B . 0.51 4.34 -1.98
OAZ 9O9 B . -2.19 5.66 0.57
OBA 9O9 B . -2.27 3.79 -2.54
OBC 9O9 B . -3.79 5.73 2.68
OBD 9O9 B . -6.06 4.67 2.75
OBE 9O9 B . -4.01 3.31 3.30
PBB 9O9 B . -4.58 4.47 2.50
#